data_9KSY
#
_entry.id   9KSY
#
_cell.length_a   80.557
_cell.length_b   119.461
_cell.length_c   47.406
_cell.angle_alpha   90.00
_cell.angle_beta   90.00
_cell.angle_gamma   90.00
#
_symmetry.space_group_name_H-M   'P 21 21 2'
#
loop_
_entity.id
_entity.type
_entity.pdbx_description
1 polymer 'UDP-glycosyltransferase 79B30-like'
2 non-polymer Guaijaverin
3 non-polymer "URIDINE-5'-DIPHOSPHATE"
4 water water
#
_entity_poly.entity_id   1
_entity_poly.type   'polypeptide(L)'
_entity_poly.pdbx_seq_one_letter_code
;MDSPSSLHIAMFPWFAMGHLIPYLHLSNKLAKRGHKISFFTPKKTQTKLEQFNLYPNLITFYPLNVPHVDGLPFGAETTS
DVAISLGPILMTAMDQTQNQIELLLTQLKPQIIFFDFVFWLPKITQRLGIKSFLYFIINPATISYTTSPPRMFEAENLTE
VDLMKPPKGYPTSFNLQSHEAKHLASTRKIEFGSGIPFSVRSYNCLSLTDAIGFKGCREIEGPYVDYLQEQFGKPVLLSG
PVLPEQSKTALDEKWGSWLGGFKDGSLVYCALGSELKLKQDQFHELLLGLELTGFPFLAILKPPVGFETIEDALPEGFKE
RVKEKGIVHSGWIQQQLILEHPSVGCFVTHCGAGSITEGLVNNCQMVLLPQLNGDYIINARIMGRHLKVGVEVKKGEEDG
LFTKESVYEAVKIVMDDENEIGREVRSNHTKVRNLLLRHDLESSCLDTFCEKLQELVS
;
_entity_poly.pdbx_strand_id   A
#
loop_
_chem_comp.id
_chem_comp.type
_chem_comp.name
_chem_comp.formula
A1EGX L-saccharide Guaijaverin 'C20 H18 O11'
UDP RNA linking URIDINE-5'-DIPHOSPHATE 'C9 H14 N2 O12 P2'
#
# COMPACT_ATOMS: atom_id res chain seq x y z
N SER A 5 11.33 -29.40 -3.51
CA SER A 5 10.12 -29.67 -4.29
C SER A 5 9.24 -28.42 -4.38
N SER A 6 8.43 -28.35 -5.43
CA SER A 6 7.63 -27.15 -5.66
C SER A 6 6.35 -27.18 -4.83
N LEU A 7 5.95 -26.00 -4.34
CA LEU A 7 4.77 -25.87 -3.48
C LEU A 7 3.57 -25.44 -4.29
N HIS A 8 2.38 -25.81 -3.81
CA HIS A 8 1.14 -25.28 -4.36
C HIS A 8 0.59 -24.28 -3.35
N ILE A 9 0.53 -23.02 -3.75
CA ILE A 9 0.11 -21.92 -2.87
C ILE A 9 -1.13 -21.28 -3.46
N ALA A 10 -2.13 -21.05 -2.62
CA ALA A 10 -3.28 -20.27 -3.01
C ALA A 10 -3.11 -18.86 -2.50
N MET A 11 -3.62 -17.89 -3.25
CA MET A 11 -3.51 -16.48 -2.89
C MET A 11 -4.91 -15.91 -2.71
N PHE A 12 -5.18 -15.33 -1.55
CA PHE A 12 -6.48 -14.74 -1.25
C PHE A 12 -6.32 -13.33 -0.68
N PRO A 13 -5.94 -12.35 -1.50
CA PRO A 13 -5.77 -10.98 -0.99
C PRO A 13 -7.09 -10.24 -0.80
N TRP A 14 -7.03 -9.21 0.03
CA TRP A 14 -8.12 -8.25 0.15
C TRP A 14 -8.45 -7.63 -1.20
N PHE A 15 -9.71 -7.25 -1.35
CA PHE A 15 -10.26 -6.77 -2.61
C PHE A 15 -9.86 -5.31 -2.82
N ALA A 16 -8.58 -5.10 -3.10
CA ALA A 16 -8.03 -3.76 -3.24
C ALA A 16 -6.87 -3.86 -4.20
N MET A 17 -6.72 -2.83 -5.04
CA MET A 17 -5.68 -2.94 -6.05
C MET A 17 -4.29 -2.94 -5.39
N GLY A 18 -4.17 -2.25 -4.26
CA GLY A 18 -2.90 -2.21 -3.55
C GLY A 18 -2.56 -3.49 -2.82
N HIS A 19 -3.48 -4.44 -2.75
CA HIS A 19 -3.18 -5.78 -2.27
C HIS A 19 -3.04 -6.76 -3.43
N LEU A 20 -3.94 -6.66 -4.41
CA LEU A 20 -3.89 -7.56 -5.56
C LEU A 20 -2.59 -7.44 -6.33
N ILE A 21 -2.08 -6.22 -6.51
CA ILE A 21 -0.93 -6.00 -7.39
C ILE A 21 0.34 -6.59 -6.74
N PRO A 22 0.65 -6.30 -5.47
CA PRO A 22 1.86 -6.92 -4.88
C PRO A 22 1.73 -8.42 -4.67
N TYR A 23 0.54 -8.94 -4.36
CA TYR A 23 0.38 -10.39 -4.30
C TYR A 23 0.72 -11.01 -5.66
N LEU A 24 0.35 -10.33 -6.74
CA LEU A 24 0.64 -10.86 -8.07
C LEU A 24 2.11 -10.67 -8.43
N HIS A 25 2.71 -9.52 -8.05
CA HIS A 25 4.16 -9.41 -8.19
C HIS A 25 4.86 -10.59 -7.52
N LEU A 26 4.46 -10.92 -6.28
CA LEU A 26 5.12 -12.01 -5.57
C LEU A 26 4.79 -13.36 -6.20
N SER A 27 3.54 -13.53 -6.64
CA SER A 27 3.16 -14.74 -7.37
C SER A 27 4.10 -15.01 -8.54
N ASN A 28 4.43 -13.98 -9.32
CA ASN A 28 5.36 -14.19 -10.44
C ASN A 28 6.74 -14.62 -9.95
N LYS A 29 7.21 -14.07 -8.82
CA LYS A 29 8.53 -14.46 -8.34
C LYS A 29 8.52 -15.90 -7.85
N LEU A 30 7.42 -16.33 -7.24
CA LEU A 30 7.32 -17.70 -6.77
C LEU A 30 7.18 -18.67 -7.95
N ALA A 31 6.41 -18.28 -8.97
CA ALA A 31 6.24 -19.15 -10.13
C ALA A 31 7.53 -19.29 -10.91
N LYS A 32 8.37 -18.25 -10.92
CA LYS A 32 9.67 -18.35 -11.56
C LYS A 32 10.54 -19.39 -10.87
N ARG A 33 10.32 -19.62 -9.58
CA ARG A 33 11.04 -20.65 -8.85
C ARG A 33 10.38 -22.01 -8.97
N GLY A 34 9.32 -22.13 -9.76
CA GLY A 34 8.65 -23.39 -10.01
C GLY A 34 7.41 -23.67 -9.20
N HIS A 35 6.98 -22.74 -8.34
CA HIS A 35 5.80 -22.98 -7.51
C HIS A 35 4.52 -22.73 -8.30
N LYS A 36 3.49 -23.53 -7.98
CA LYS A 36 2.20 -23.43 -8.62
C LYS A 36 1.30 -22.50 -7.78
N ILE A 37 0.68 -21.53 -8.42
CA ILE A 37 -0.09 -20.51 -7.71
C ILE A 37 -1.54 -20.59 -8.17
N SER A 38 -2.47 -20.74 -7.20
CA SER A 38 -3.90 -20.60 -7.43
C SER A 38 -4.32 -19.24 -6.90
N PHE A 39 -4.62 -18.31 -7.81
CA PHE A 39 -4.83 -16.91 -7.44
C PHE A 39 -6.32 -16.58 -7.45
N PHE A 40 -6.89 -16.36 -6.26
CA PHE A 40 -8.31 -16.03 -6.12
C PHE A 40 -8.52 -14.53 -6.31
N THR A 41 -9.40 -14.15 -7.23
CA THR A 41 -9.65 -12.75 -7.52
C THR A 41 -11.13 -12.53 -7.75
N PRO A 42 -11.66 -11.34 -7.43
CA PRO A 42 -13.02 -11.01 -7.89
C PRO A 42 -13.16 -11.15 -9.40
N LYS A 43 -14.33 -11.62 -9.83
CA LYS A 43 -14.52 -12.08 -11.20
C LYS A 43 -14.20 -11.02 -12.24
N LYS A 44 -14.83 -9.84 -12.15
CA LYS A 44 -14.60 -8.83 -13.17
C LYS A 44 -13.19 -8.27 -13.11
N THR A 45 -12.60 -8.24 -11.91
CA THR A 45 -11.26 -7.69 -11.76
C THR A 45 -10.20 -8.54 -12.45
N GLN A 46 -10.48 -9.82 -12.70
CA GLN A 46 -9.48 -10.68 -13.33
C GLN A 46 -9.00 -10.10 -14.65
N THR A 47 -9.91 -9.54 -15.46
CA THR A 47 -9.52 -8.99 -16.75
C THR A 47 -8.41 -7.95 -16.61
N LYS A 48 -8.48 -7.14 -15.56
CA LYS A 48 -7.47 -6.11 -15.32
C LYS A 48 -6.18 -6.66 -14.72
N LEU A 49 -6.16 -7.93 -14.30
CA LEU A 49 -4.97 -8.52 -13.69
C LEU A 49 -4.17 -9.38 -14.66
N GLU A 50 -4.75 -9.72 -15.82
CA GLU A 50 -4.04 -10.63 -16.73
C GLU A 50 -2.73 -10.04 -17.22
N GLN A 51 -2.64 -8.71 -17.33
CA GLN A 51 -1.42 -8.06 -17.81
C GLN A 51 -0.24 -8.32 -16.90
N PHE A 52 -0.47 -8.71 -15.64
CA PHE A 52 0.62 -8.94 -14.70
C PHE A 52 0.97 -10.41 -14.55
N ASN A 53 0.26 -11.31 -15.22
CA ASN A 53 0.53 -12.74 -15.10
C ASN A 53 1.60 -13.11 -16.12
N LEU A 54 2.84 -13.22 -15.67
CA LEU A 54 3.97 -13.55 -16.52
C LEU A 54 4.20 -15.05 -16.66
N TYR A 55 3.48 -15.89 -15.90
CA TYR A 55 3.65 -17.35 -15.92
C TYR A 55 2.28 -18.03 -15.95
N PRO A 56 1.53 -17.86 -17.05
CA PRO A 56 0.16 -18.38 -17.09
C PRO A 56 0.06 -19.89 -16.95
N ASN A 57 1.13 -20.63 -17.19
CA ASN A 57 1.07 -22.09 -17.02
C ASN A 57 1.17 -22.49 -15.56
N LEU A 58 1.65 -21.61 -14.69
CA LEU A 58 1.80 -21.90 -13.27
C LEU A 58 0.87 -21.08 -12.39
N ILE A 59 0.47 -19.90 -12.85
CA ILE A 59 -0.44 -19.04 -12.11
C ILE A 59 -1.80 -19.09 -12.81
N THR A 60 -2.78 -19.67 -12.13
CA THR A 60 -4.15 -19.72 -12.63
C THR A 60 -5.05 -18.83 -11.77
N PHE A 61 -5.85 -17.98 -12.41
CA PHE A 61 -6.85 -17.20 -11.71
C PHE A 61 -8.13 -18.02 -11.48
N TYR A 62 -8.70 -17.88 -10.29
CA TYR A 62 -10.00 -18.49 -9.95
C TYR A 62 -10.94 -17.38 -9.52
N PRO A 63 -12.05 -17.17 -10.23
CA PRO A 63 -12.94 -16.03 -9.94
C PRO A 63 -13.82 -16.24 -8.71
N LEU A 64 -14.03 -15.15 -7.99
CA LEU A 64 -14.95 -15.08 -6.86
C LEU A 64 -16.09 -14.16 -7.24
N ASN A 65 -17.32 -14.55 -6.88
CA ASN A 65 -18.47 -13.67 -7.00
C ASN A 65 -18.60 -12.88 -5.70
N VAL A 66 -18.40 -11.57 -5.79
CA VAL A 66 -18.48 -10.73 -4.60
C VAL A 66 -19.96 -10.58 -4.24
N PRO A 67 -20.41 -11.16 -3.14
CA PRO A 67 -21.86 -11.20 -2.87
C PRO A 67 -22.38 -9.86 -2.37
N HIS A 68 -23.70 -9.73 -2.48
CA HIS A 68 -24.36 -8.51 -2.08
C HIS A 68 -24.45 -8.41 -0.56
N VAL A 69 -24.09 -7.25 -0.03
CA VAL A 69 -24.41 -6.84 1.33
C VAL A 69 -25.19 -5.54 1.23
N ASP A 70 -26.21 -5.39 2.06
CA ASP A 70 -27.01 -4.18 2.01
C ASP A 70 -26.10 -2.97 2.18
N GLY A 71 -26.18 -2.05 1.22
CA GLY A 71 -25.35 -0.87 1.20
C GLY A 71 -24.24 -0.93 0.18
N LEU A 72 -23.87 -2.12 -0.28
CA LEU A 72 -22.77 -2.24 -1.23
C LEU A 72 -23.22 -1.77 -2.61
N PRO A 73 -22.52 -0.82 -3.24
CA PRO A 73 -22.85 -0.42 -4.60
C PRO A 73 -22.90 -1.63 -5.52
N PHE A 74 -23.78 -1.57 -6.52
CA PHE A 74 -24.03 -2.72 -7.36
C PHE A 74 -22.81 -3.07 -8.19
N GLY A 75 -22.45 -4.36 -8.19
CA GLY A 75 -21.37 -4.84 -9.00
C GLY A 75 -19.99 -4.53 -8.45
N ALA A 76 -19.91 -3.85 -7.31
CA ALA A 76 -18.63 -3.43 -6.76
C ALA A 76 -17.80 -4.65 -6.38
N GLU A 77 -16.51 -4.60 -6.71
CA GLU A 77 -15.60 -5.69 -6.39
C GLU A 77 -14.38 -5.29 -5.56
N THR A 78 -13.89 -4.05 -5.68
CA THR A 78 -12.69 -3.63 -4.96
C THR A 78 -12.90 -2.27 -4.30
N THR A 79 -11.93 -1.90 -3.44
CA THR A 79 -11.98 -0.59 -2.82
C THR A 79 -11.85 0.53 -3.83
N SER A 80 -11.37 0.27 -5.05
CA SER A 80 -11.40 1.30 -6.07
C SER A 80 -12.80 1.53 -6.62
N ASP A 81 -13.78 0.69 -6.26
CA ASP A 81 -15.14 0.87 -6.77
C ASP A 81 -16.08 1.52 -5.76
N VAL A 82 -15.66 1.70 -4.52
CA VAL A 82 -16.53 2.24 -3.47
C VAL A 82 -15.78 3.34 -2.72
N ALA A 83 -16.55 4.23 -2.12
CA ALA A 83 -15.97 5.23 -1.23
C ALA A 83 -15.34 4.53 -0.03
N ILE A 84 -14.35 5.21 0.58
CA ILE A 84 -13.64 4.63 1.70
C ILE A 84 -14.58 4.29 2.85
N SER A 85 -15.61 5.11 3.07
CA SER A 85 -16.56 4.83 4.13
C SER A 85 -17.36 3.54 3.90
N LEU A 86 -17.35 3.00 2.70
CA LEU A 86 -18.05 1.77 2.37
C LEU A 86 -17.16 0.53 2.44
N GLY A 87 -15.86 0.71 2.69
CA GLY A 87 -14.98 -0.41 2.91
C GLY A 87 -15.46 -1.48 3.87
N PRO A 88 -16.04 -1.10 5.02
CA PRO A 88 -16.52 -2.17 5.94
C PRO A 88 -17.58 -3.05 5.33
N ILE A 89 -18.41 -2.52 4.41
CA ILE A 89 -19.42 -3.35 3.77
C ILE A 89 -18.75 -4.30 2.78
N LEU A 90 -17.72 -3.82 2.05
CA LEU A 90 -16.98 -4.72 1.18
C LEU A 90 -16.28 -5.79 1.98
N MET A 91 -15.89 -5.50 3.23
CA MET A 91 -15.30 -6.57 4.00
C MET A 91 -16.34 -7.59 4.46
N THR A 92 -17.56 -7.16 4.77
CA THR A 92 -18.61 -8.14 5.03
C THR A 92 -18.80 -9.06 3.81
N ALA A 93 -18.73 -8.50 2.60
CA ALA A 93 -18.86 -9.31 1.38
C ALA A 93 -17.72 -10.29 1.22
N MET A 94 -16.48 -9.89 1.52
CA MET A 94 -15.38 -10.84 1.55
C MET A 94 -15.64 -11.95 2.56
N ASP A 95 -16.08 -11.58 3.78
CA ASP A 95 -16.44 -12.58 4.78
C ASP A 95 -17.43 -13.57 4.22
N GLN A 96 -18.31 -13.12 3.32
CA GLN A 96 -19.40 -13.92 2.78
C GLN A 96 -18.97 -14.80 1.61
N THR A 97 -17.73 -14.69 1.12
CA THR A 97 -17.22 -15.63 0.13
C THR A 97 -16.83 -16.97 0.76
N GLN A 98 -17.08 -17.15 2.06
CA GLN A 98 -16.56 -18.34 2.75
C GLN A 98 -16.99 -19.63 2.07
N ASN A 99 -18.24 -19.71 1.61
CA ASN A 99 -18.72 -20.92 0.94
C ASN A 99 -17.92 -21.21 -0.33
N GLN A 100 -17.76 -20.20 -1.20
CA GLN A 100 -16.99 -20.46 -2.40
C GLN A 100 -15.51 -20.63 -2.12
N ILE A 101 -14.99 -20.11 -1.00
CA ILE A 101 -13.58 -20.34 -0.68
C ILE A 101 -13.38 -21.79 -0.25
N GLU A 102 -14.27 -22.30 0.61
CA GLU A 102 -14.12 -23.67 1.08
C GLU A 102 -14.27 -24.66 -0.08
N LEU A 103 -15.12 -24.35 -1.05
CA LEU A 103 -15.22 -25.19 -2.24
C LEU A 103 -13.91 -25.19 -3.03
N LEU A 104 -13.26 -24.02 -3.13
CA LEU A 104 -12.03 -23.94 -3.90
C LEU A 104 -10.90 -24.68 -3.21
N LEU A 105 -10.85 -24.63 -1.88
CA LEU A 105 -9.77 -25.30 -1.16
C LEU A 105 -9.92 -26.81 -1.22
N THR A 106 -11.15 -27.33 -1.13
CA THR A 106 -11.31 -28.78 -1.21
C THR A 106 -11.07 -29.30 -2.63
N GLN A 107 -11.27 -28.46 -3.65
CA GLN A 107 -10.99 -28.97 -4.99
C GLN A 107 -9.53 -28.79 -5.38
N LEU A 108 -8.89 -27.70 -4.98
CA LEU A 108 -7.53 -27.41 -5.44
C LEU A 108 -6.47 -27.95 -4.50
N LYS A 109 -6.80 -28.14 -3.22
CA LYS A 109 -5.90 -28.73 -2.24
C LYS A 109 -4.50 -28.11 -2.22
N PRO A 110 -4.38 -26.79 -2.04
CA PRO A 110 -3.05 -26.20 -1.90
C PRO A 110 -2.46 -26.61 -0.57
N GLN A 111 -1.12 -26.51 -0.48
CA GLN A 111 -0.43 -26.76 0.78
C GLN A 111 -0.50 -25.55 1.73
N ILE A 112 -0.56 -24.34 1.19
CA ILE A 112 -0.56 -23.08 1.93
C ILE A 112 -1.56 -22.15 1.27
N ILE A 113 -2.20 -21.28 2.07
CA ILE A 113 -2.97 -20.18 1.49
C ILE A 113 -2.51 -18.87 2.14
N PHE A 114 -2.10 -17.91 1.29
CA PHE A 114 -1.80 -16.55 1.72
C PHE A 114 -3.11 -15.77 1.78
N PHE A 115 -3.33 -14.99 2.85
CA PHE A 115 -4.62 -14.31 2.96
C PHE A 115 -4.49 -13.00 3.71
N ASP A 116 -5.52 -12.16 3.54
CA ASP A 116 -5.74 -10.90 4.23
C ASP A 116 -7.03 -11.01 5.03
N PHE A 117 -7.06 -10.46 6.25
CA PHE A 117 -8.31 -10.09 6.93
C PHE A 117 -9.28 -11.18 7.40
N VAL A 118 -9.35 -12.35 6.73
CA VAL A 118 -10.45 -13.29 6.98
C VAL A 118 -10.03 -14.24 8.11
N PHE A 119 -10.30 -13.83 9.35
CA PHE A 119 -9.78 -14.63 10.47
C PHE A 119 -10.53 -15.94 10.66
N TRP A 120 -11.62 -16.16 9.93
CA TRP A 120 -12.29 -17.46 9.96
C TRP A 120 -11.60 -18.51 9.11
N LEU A 121 -10.58 -18.13 8.35
CA LEU A 121 -9.97 -19.06 7.40
C LEU A 121 -9.10 -20.11 8.10
N PRO A 122 -8.26 -19.74 9.09
CA PRO A 122 -7.39 -20.76 9.71
C PRO A 122 -8.16 -21.95 10.30
N LYS A 123 -9.42 -21.76 10.70
CA LYS A 123 -10.21 -22.91 11.17
C LYS A 123 -10.53 -23.86 10.02
N ILE A 124 -10.88 -23.32 8.85
CA ILE A 124 -11.13 -24.18 7.69
C ILE A 124 -9.85 -24.89 7.27
N THR A 125 -8.74 -24.17 7.17
CA THR A 125 -7.54 -24.77 6.63
C THR A 125 -6.99 -25.84 7.55
N GLN A 126 -7.09 -25.64 8.87
CA GLN A 126 -6.63 -26.67 9.79
C GLN A 126 -7.45 -27.94 9.63
N ARG A 127 -8.75 -27.80 9.42
CA ARG A 127 -9.61 -28.95 9.11
C ARG A 127 -9.16 -29.66 7.84
N LEU A 128 -8.71 -28.90 6.83
CA LEU A 128 -8.33 -29.44 5.54
C LEU A 128 -6.85 -29.82 5.46
N GLY A 129 -6.09 -29.61 6.54
CA GLY A 129 -4.67 -29.92 6.48
C GLY A 129 -3.86 -28.92 5.68
N ILE A 130 -4.37 -27.70 5.51
CA ILE A 130 -3.69 -26.62 4.79
C ILE A 130 -3.12 -25.65 5.81
N LYS A 131 -1.93 -25.11 5.52
CA LYS A 131 -1.31 -24.13 6.39
C LYS A 131 -1.80 -22.74 6.02
N SER A 132 -2.15 -21.95 7.04
CA SER A 132 -2.65 -20.59 6.81
C SER A 132 -1.50 -19.59 6.99
N PHE A 133 -1.40 -18.65 6.06
CA PHE A 133 -0.28 -17.71 6.04
C PHE A 133 -0.87 -16.31 5.86
N LEU A 134 -0.90 -15.55 6.94
CA LEU A 134 -1.38 -14.17 6.89
C LEU A 134 -0.30 -13.29 6.28
N TYR A 135 -0.50 -12.81 5.05
CA TYR A 135 0.56 -12.13 4.31
C TYR A 135 0.20 -10.64 4.14
N PHE A 136 0.94 -9.77 4.82
CA PHE A 136 0.73 -8.33 4.80
C PHE A 136 1.62 -7.66 3.75
N ILE A 137 1.03 -6.76 2.98
CA ILE A 137 1.80 -5.87 2.12
C ILE A 137 1.85 -4.45 2.69
N ILE A 138 1.37 -4.25 3.92
CA ILE A 138 1.58 -3.00 4.63
C ILE A 138 2.81 -3.16 5.52
N ASN A 139 3.21 -2.10 6.18
CA ASN A 139 4.46 -2.07 6.94
C ASN A 139 4.29 -2.83 8.26
N PRO A 140 5.19 -3.77 8.59
CA PRO A 140 5.14 -4.39 9.93
C PRO A 140 5.30 -3.38 11.04
N ALA A 141 5.87 -2.19 10.75
CA ALA A 141 5.92 -1.15 11.76
C ALA A 141 4.52 -0.70 12.14
N THR A 142 3.58 -0.78 11.20
CA THR A 142 2.22 -0.35 11.48
C THR A 142 1.51 -1.37 12.36
N ILE A 143 1.52 -2.64 11.96
CA ILE A 143 0.91 -3.69 12.78
C ILE A 143 1.50 -3.72 14.19
N SER A 144 2.83 -3.58 14.29
CA SER A 144 3.51 -3.53 15.58
C SER A 144 3.00 -2.41 16.47
N TYR A 145 2.72 -1.25 15.88
CA TYR A 145 2.34 -0.09 16.66
C TYR A 145 0.91 -0.16 17.16
N THR A 146 0.00 -0.76 16.38
CA THR A 146 -1.42 -0.65 16.68
C THR A 146 -2.07 -1.95 17.13
N THR A 147 -1.47 -3.11 16.79
CA THR A 147 -2.15 -4.39 16.90
C THR A 147 -1.32 -5.44 17.65
N SER A 148 -0.22 -5.03 18.28
CA SER A 148 0.51 -5.93 19.14
C SER A 148 -0.31 -6.17 20.41
N PRO A 149 -0.04 -7.26 21.13
CA PRO A 149 -0.89 -7.63 22.28
C PRO A 149 -1.01 -6.52 23.31
N PRO A 150 0.07 -5.78 23.67
CA PRO A 150 -0.12 -4.73 24.69
C PRO A 150 -1.18 -3.71 24.32
N ARG A 151 -1.35 -3.43 23.03
CA ARG A 151 -2.42 -2.53 22.62
C ARG A 151 -3.78 -3.16 22.81
N MET A 152 -3.89 -4.47 22.54
CA MET A 152 -5.19 -5.12 22.52
C MET A 152 -5.73 -5.35 23.93
N PHE A 153 -4.84 -5.53 24.91
CA PHE A 153 -5.31 -5.84 26.26
C PHE A 153 -5.84 -4.60 26.97
N GLU A 154 -5.52 -3.41 26.46
CA GLU A 154 -6.16 -2.22 26.98
C GLU A 154 -7.59 -2.06 26.50
N ALA A 155 -7.98 -2.82 25.48
CA ALA A 155 -9.36 -2.88 25.01
C ALA A 155 -9.91 -1.48 24.74
N GLU A 156 -10.98 -1.08 25.42
CA GLU A 156 -11.54 0.25 25.23
C GLU A 156 -10.93 1.31 26.15
N ASN A 157 -9.97 0.95 26.99
CA ASN A 157 -9.21 1.92 27.77
C ASN A 157 -8.01 2.46 27.00
N LEU A 158 -7.95 2.24 25.69
CA LEU A 158 -6.86 2.76 24.87
C LEU A 158 -7.26 4.12 24.35
N THR A 159 -6.49 5.15 24.70
CA THR A 159 -6.82 6.54 24.39
C THR A 159 -5.84 7.13 23.38
N GLU A 160 -6.21 8.30 22.84
CA GLU A 160 -5.32 9.09 22.00
C GLU A 160 -3.96 9.33 22.64
N VAL A 161 -3.93 9.60 23.95
CA VAL A 161 -2.63 9.81 24.57
C VAL A 161 -1.86 8.49 24.69
N ASP A 162 -2.56 7.35 24.85
CA ASP A 162 -1.88 6.06 24.81
C ASP A 162 -1.22 5.84 23.45
N LEU A 163 -1.88 6.25 22.39
CA LEU A 163 -1.37 6.00 21.04
C LEU A 163 -0.34 7.03 20.59
N MET A 164 -0.08 8.05 21.41
CA MET A 164 1.04 8.97 21.20
C MET A 164 2.39 8.34 21.52
N LYS A 165 2.44 7.21 22.25
CA LYS A 165 3.71 6.53 22.47
C LYS A 165 3.63 5.12 21.94
N PRO A 166 4.76 4.50 21.64
CA PRO A 166 4.74 3.13 21.10
C PRO A 166 4.38 2.13 22.19
N PRO A 167 3.89 0.96 21.79
CA PRO A 167 3.61 -0.10 22.78
C PRO A 167 4.90 -0.59 23.43
N LYS A 168 4.73 -1.24 24.58
CA LYS A 168 5.88 -1.73 25.33
C LYS A 168 6.74 -2.67 24.48
N GLY A 169 8.04 -2.38 24.41
CA GLY A 169 8.97 -3.20 23.66
C GLY A 169 9.20 -2.78 22.22
N TYR A 170 8.41 -1.86 21.69
CA TYR A 170 8.52 -1.44 20.30
C TYR A 170 9.96 -1.01 20.00
N PRO A 171 10.50 -1.37 18.82
CA PRO A 171 11.94 -1.25 18.61
C PRO A 171 12.44 0.11 18.16
N THR A 172 11.58 1.06 17.78
CA THR A 172 12.08 2.34 17.26
C THR A 172 11.24 3.47 17.84
N SER A 173 11.66 4.71 17.57
CA SER A 173 10.98 5.90 18.09
C SER A 173 10.60 6.81 16.94
N PHE A 174 9.35 7.28 16.94
CA PHE A 174 8.94 8.37 16.07
C PHE A 174 7.73 9.06 16.72
N ASN A 175 7.40 10.24 16.21
CA ASN A 175 6.39 11.09 16.83
C ASN A 175 5.16 11.16 15.95
N LEU A 176 3.99 11.00 16.55
CA LEU A 176 2.73 11.25 15.89
C LEU A 176 2.23 12.62 16.33
N GLN A 177 1.43 13.24 15.47
CA GLN A 177 0.72 14.46 15.81
C GLN A 177 -0.59 14.12 16.52
N SER A 178 -1.11 15.09 17.28
CA SER A 178 -2.37 14.86 18.01
C SER A 178 -3.48 14.29 17.12
N HIS A 179 -3.73 14.92 15.96
CA HIS A 179 -4.85 14.45 15.13
C HIS A 179 -4.61 13.04 14.60
N GLU A 180 -3.36 12.62 14.48
CA GLU A 180 -3.06 11.27 14.02
C GLU A 180 -3.36 10.25 15.11
N ALA A 181 -2.94 10.53 16.34
CA ALA A 181 -3.28 9.65 17.45
C ALA A 181 -4.79 9.60 17.69
N LYS A 182 -5.51 10.71 17.46
CA LYS A 182 -6.97 10.70 17.56
C LYS A 182 -7.59 9.79 16.52
N HIS A 183 -7.12 9.91 15.28
CA HIS A 183 -7.54 9.00 14.21
C HIS A 183 -7.38 7.54 14.60
N LEU A 184 -6.19 7.16 15.06
CA LEU A 184 -5.93 5.77 15.40
C LEU A 184 -6.79 5.31 16.57
N ALA A 185 -6.99 6.17 17.57
CA ALA A 185 -7.75 5.76 18.74
C ALA A 185 -9.21 5.55 18.40
N SER A 186 -9.76 6.35 17.49
CA SER A 186 -11.18 6.19 17.17
C SER A 186 -11.41 5.11 16.12
N THR A 187 -10.63 5.13 15.01
CA THR A 187 -10.93 4.23 13.90
C THR A 187 -10.69 2.77 14.24
N ARG A 188 -9.84 2.49 15.22
CA ARG A 188 -9.54 1.12 15.60
C ARG A 188 -10.78 0.41 16.14
N LYS A 189 -11.72 1.16 16.69
CA LYS A 189 -12.94 0.60 17.30
C LYS A 189 -14.07 0.43 16.30
N ILE A 190 -14.00 1.09 15.14
CA ILE A 190 -15.09 1.08 14.18
C ILE A 190 -15.21 -0.29 13.54
N GLU A 191 -16.45 -0.77 13.37
CA GLU A 191 -16.67 -2.07 12.74
C GLU A 191 -16.14 -2.10 11.32
N PHE A 192 -15.41 -3.17 10.98
CA PHE A 192 -14.91 -3.38 9.62
C PHE A 192 -15.33 -4.78 9.18
N GLY A 193 -16.59 -4.93 8.77
CA GLY A 193 -17.07 -6.22 8.32
C GLY A 193 -17.68 -7.11 9.39
N SER A 194 -18.95 -7.48 9.20
CA SER A 194 -19.61 -8.50 10.02
C SER A 194 -19.52 -8.19 11.52
N GLY A 195 -19.61 -6.91 11.87
CA GLY A 195 -19.65 -6.50 13.26
C GLY A 195 -18.34 -6.56 14.03
N ILE A 196 -17.21 -6.72 13.36
CA ILE A 196 -15.93 -6.92 14.02
C ILE A 196 -15.17 -5.60 14.03
N PRO A 197 -14.81 -5.06 15.18
CA PRO A 197 -13.98 -3.84 15.20
C PRO A 197 -12.67 -4.04 14.43
N PHE A 198 -12.22 -2.97 13.77
CA PHE A 198 -11.11 -3.05 12.82
C PHE A 198 -9.87 -3.71 13.43
N SER A 199 -9.40 -3.22 14.58
CA SER A 199 -8.17 -3.82 15.10
C SER A 199 -8.43 -5.20 15.67
N VAL A 200 -9.64 -5.48 16.17
CA VAL A 200 -9.96 -6.82 16.64
C VAL A 200 -9.81 -7.81 15.51
N ARG A 201 -10.31 -7.46 14.31
CA ARG A 201 -10.20 -8.34 13.15
C ARG A 201 -8.76 -8.72 12.86
N SER A 202 -7.86 -7.72 12.79
CA SER A 202 -6.48 -8.06 12.48
C SER A 202 -5.81 -8.82 13.62
N TYR A 203 -6.14 -8.49 14.86
CA TYR A 203 -5.62 -9.25 15.98
C TYR A 203 -6.04 -10.71 15.92
N ASN A 204 -7.30 -10.95 15.59
CA ASN A 204 -7.78 -12.32 15.40
C ASN A 204 -6.98 -13.05 14.32
N CYS A 205 -6.66 -12.35 13.21
CA CYS A 205 -5.88 -12.98 12.15
C CYS A 205 -4.49 -13.34 12.64
N LEU A 206 -3.83 -12.41 13.32
CA LEU A 206 -2.51 -12.66 13.86
C LEU A 206 -2.53 -13.82 14.86
N SER A 207 -3.60 -13.89 15.67
CA SER A 207 -3.64 -14.86 16.76
C SER A 207 -3.89 -16.29 16.27
N LEU A 208 -4.70 -16.44 15.22
CA LEU A 208 -5.20 -17.74 14.78
C LEU A 208 -4.42 -18.33 13.61
N THR A 209 -3.71 -17.52 12.83
CA THR A 209 -2.99 -18.04 11.68
C THR A 209 -1.82 -18.93 12.11
N ASP A 210 -1.40 -19.82 11.20
CA ASP A 210 -0.25 -20.68 11.48
C ASP A 210 1.04 -19.87 11.45
N ALA A 211 1.19 -19.00 10.45
CA ALA A 211 2.38 -18.17 10.37
C ALA A 211 2.00 -16.83 9.76
N ILE A 212 2.92 -15.88 9.84
CA ILE A 212 2.74 -14.50 9.40
C ILE A 212 3.86 -14.15 8.42
N GLY A 213 3.55 -13.35 7.41
CA GLY A 213 4.58 -12.79 6.55
C GLY A 213 4.29 -11.35 6.17
N PHE A 214 5.36 -10.64 5.85
CA PHE A 214 5.31 -9.26 5.40
C PHE A 214 6.18 -9.08 4.18
N LYS A 215 5.73 -8.18 3.30
CA LYS A 215 6.61 -7.55 2.33
C LYS A 215 7.72 -6.78 3.06
N GLY A 216 8.95 -6.90 2.57
CA GLY A 216 10.07 -6.22 3.20
C GLY A 216 11.40 -6.97 3.27
N CYS A 217 12.44 -6.33 3.80
CA CYS A 217 13.75 -6.96 3.94
C CYS A 217 14.28 -6.73 5.34
N ARG A 218 15.26 -7.54 5.73
CA ARG A 218 15.82 -7.43 7.08
C ARG A 218 16.35 -6.04 7.36
N GLU A 219 16.94 -5.40 6.34
CA GLU A 219 17.66 -4.16 6.56
C GLU A 219 16.73 -3.03 6.98
N ILE A 220 15.47 -3.07 6.58
CA ILE A 220 14.49 -2.03 6.89
C ILE A 220 13.41 -2.55 7.82
N GLU A 221 12.74 -3.64 7.45
CA GLU A 221 11.60 -4.16 8.21
C GLU A 221 12.01 -5.08 9.35
N GLY A 222 13.25 -5.54 9.38
CA GLY A 222 13.75 -6.50 10.35
C GLY A 222 13.36 -6.31 11.80
N PRO A 223 13.61 -5.13 12.38
CA PRO A 223 13.30 -4.96 13.82
C PRO A 223 11.83 -5.13 14.15
N TYR A 224 10.92 -4.83 13.21
CA TYR A 224 9.50 -4.95 13.48
C TYR A 224 9.04 -6.40 13.36
N VAL A 225 9.58 -7.12 12.37
CA VAL A 225 9.33 -8.56 12.27
C VAL A 225 9.87 -9.30 13.50
N ASP A 226 11.05 -8.91 13.99
CA ASP A 226 11.57 -9.54 15.20
C ASP A 226 10.67 -9.28 16.41
N TYR A 227 10.20 -8.04 16.57
CA TYR A 227 9.27 -7.70 17.64
C TYR A 227 7.97 -8.51 17.54
N LEU A 228 7.41 -8.58 16.34
CA LEU A 228 6.15 -9.33 16.17
C LEU A 228 6.36 -10.83 16.41
N GLN A 229 7.50 -11.38 16.01
CA GLN A 229 7.74 -12.79 16.28
C GLN A 229 7.86 -13.05 17.77
N GLU A 230 8.55 -12.16 18.49
CA GLU A 230 8.63 -12.28 19.94
C GLU A 230 7.25 -12.20 20.59
N GLN A 231 6.39 -11.30 20.09
CA GLN A 231 5.09 -11.07 20.74
C GLN A 231 4.12 -12.21 20.46
N PHE A 232 4.05 -12.68 19.22
CA PHE A 232 3.05 -13.67 18.83
C PHE A 232 3.60 -15.09 18.82
N GLY A 233 4.89 -15.28 19.03
CA GLY A 233 5.47 -16.61 19.22
C GLY A 233 5.35 -17.57 18.06
N LYS A 234 5.14 -17.08 16.85
CA LYS A 234 5.06 -17.90 15.65
C LYS A 234 5.96 -17.27 14.60
N PRO A 235 6.28 -18.00 13.52
CA PRO A 235 7.18 -17.42 12.51
C PRO A 235 6.57 -16.19 11.87
N VAL A 236 7.38 -15.16 11.72
CA VAL A 236 7.01 -13.96 10.98
C VAL A 236 8.06 -13.81 9.89
N LEU A 237 7.68 -14.10 8.64
CA LEU A 237 8.60 -14.16 7.53
C LEU A 237 8.63 -12.85 6.74
N LEU A 238 9.70 -12.70 5.95
CA LEU A 238 9.88 -11.58 5.04
C LEU A 238 9.95 -12.11 3.61
N SER A 239 9.09 -11.59 2.73
CA SER A 239 9.12 -12.04 1.34
C SER A 239 10.23 -11.40 0.51
N GLY A 240 10.97 -10.44 1.06
CA GLY A 240 11.67 -9.50 0.22
C GLY A 240 10.78 -8.32 -0.10
N PRO A 241 11.36 -7.29 -0.72
CA PRO A 241 10.67 -6.01 -0.90
C PRO A 241 9.61 -5.98 -2.00
N VAL A 242 9.34 -7.12 -2.64
CA VAL A 242 8.40 -7.27 -3.76
C VAL A 242 8.66 -6.18 -4.81
N LEU A 243 9.85 -6.22 -5.39
CA LEU A 243 10.17 -5.30 -6.46
C LEU A 243 9.16 -5.46 -7.59
N PRO A 244 8.65 -4.38 -8.16
CA PRO A 244 7.64 -4.50 -9.21
C PRO A 244 8.18 -5.26 -10.42
N GLU A 245 7.34 -6.12 -10.96
CA GLU A 245 7.68 -6.90 -12.14
C GLU A 245 7.22 -6.12 -13.37
N GLN A 246 7.74 -6.49 -14.54
CA GLN A 246 7.42 -5.74 -15.75
C GLN A 246 6.10 -6.22 -16.35
N SER A 247 5.25 -5.27 -16.72
CA SER A 247 3.95 -5.62 -17.27
C SER A 247 4.09 -5.99 -18.74
N LYS A 248 3.10 -6.74 -19.24
CA LYS A 248 3.07 -7.06 -20.65
C LYS A 248 2.53 -5.93 -21.50
N THR A 249 2.05 -4.85 -20.88
CA THR A 249 1.48 -3.68 -21.55
C THR A 249 2.48 -2.54 -21.49
N ALA A 250 2.83 -1.99 -22.65
CA ALA A 250 3.76 -0.86 -22.69
C ALA A 250 3.05 0.44 -22.27
N LEU A 251 3.84 1.48 -22.01
CA LEU A 251 3.29 2.76 -21.57
C LEU A 251 2.39 3.36 -22.65
N ASP A 252 1.16 3.70 -22.26
CA ASP A 252 0.20 4.37 -23.13
C ASP A 252 0.86 5.49 -23.92
N GLU A 253 0.70 5.44 -25.25
CA GLU A 253 1.37 6.42 -26.11
C GLU A 253 0.97 7.85 -25.78
N LYS A 254 -0.27 8.05 -25.30
CA LYS A 254 -0.74 9.37 -24.93
C LYS A 254 0.11 9.98 -23.82
N TRP A 255 0.41 9.20 -22.78
CA TRP A 255 1.27 9.69 -21.72
C TRP A 255 2.73 9.71 -22.15
N GLY A 256 3.17 8.70 -22.89
CA GLY A 256 4.56 8.66 -23.34
C GLY A 256 4.94 9.89 -24.14
N SER A 257 4.07 10.29 -25.07
CA SER A 257 4.38 11.46 -25.89
C SER A 257 4.37 12.75 -25.07
N TRP A 258 3.38 12.90 -24.18
CA TRP A 258 3.27 14.12 -23.40
C TRP A 258 4.42 14.24 -22.42
N LEU A 259 4.74 13.15 -21.71
CA LEU A 259 5.87 13.16 -20.79
C LEU A 259 7.18 13.42 -21.52
N GLY A 260 7.32 12.90 -22.74
CA GLY A 260 8.55 13.07 -23.50
C GLY A 260 8.86 14.49 -23.91
N GLY A 261 7.88 15.38 -23.86
CA GLY A 261 8.14 16.78 -24.18
C GLY A 261 8.89 17.56 -23.11
N PHE A 262 9.07 17.01 -21.92
CA PHE A 262 9.68 17.77 -20.84
C PHE A 262 11.14 17.39 -20.66
N LYS A 263 11.93 18.34 -20.16
CA LYS A 263 13.32 18.08 -19.83
C LYS A 263 13.42 17.00 -18.76
N ASP A 264 14.49 16.20 -18.83
CA ASP A 264 14.75 15.17 -17.84
C ASP A 264 14.74 15.74 -16.43
N GLY A 265 14.07 15.03 -15.52
CA GLY A 265 14.03 15.40 -14.11
C GLY A 265 13.24 16.64 -13.76
N SER A 266 12.44 17.18 -14.68
CA SER A 266 11.78 18.46 -14.44
C SER A 266 10.33 18.35 -13.98
N LEU A 267 9.69 17.18 -14.11
CA LEU A 267 8.26 17.07 -13.88
C LEU A 267 7.94 16.52 -12.49
N VAL A 268 6.89 17.09 -11.87
CA VAL A 268 6.42 16.63 -10.56
C VAL A 268 5.22 15.72 -10.77
N TYR A 269 5.33 14.47 -10.36
CA TYR A 269 4.23 13.51 -10.44
C TYR A 269 3.58 13.41 -9.06
N CYS A 270 2.28 13.62 -9.01
CA CYS A 270 1.54 13.55 -7.75
C CYS A 270 0.39 12.56 -7.88
N ALA A 271 0.34 11.59 -6.97
CA ALA A 271 -0.73 10.61 -7.00
C ALA A 271 -0.98 10.11 -5.59
N LEU A 272 -2.26 9.97 -5.23
CA LEU A 272 -2.65 9.55 -3.88
C LEU A 272 -3.39 8.21 -3.92
N GLY A 273 -2.94 7.32 -4.80
CA GLY A 273 -3.48 5.96 -4.83
C GLY A 273 -4.81 5.91 -5.53
N SER A 274 -5.49 4.77 -5.36
CA SER A 274 -6.69 4.44 -6.11
C SER A 274 -7.95 4.44 -5.26
N GLU A 275 -7.87 4.78 -3.98
CA GLU A 275 -9.02 4.63 -3.10
C GLU A 275 -9.62 5.94 -2.64
N LEU A 276 -8.80 6.93 -2.32
CA LEU A 276 -9.26 8.07 -1.54
C LEU A 276 -9.64 9.25 -2.42
N LYS A 277 -10.46 10.14 -1.86
CA LYS A 277 -10.82 11.42 -2.43
C LYS A 277 -10.52 12.51 -1.42
N LEU A 278 -9.86 13.58 -1.86
CA LEU A 278 -9.62 14.72 -0.99
C LEU A 278 -10.92 15.52 -0.78
N LYS A 279 -10.97 16.24 0.35
CA LYS A 279 -11.95 17.31 0.47
C LYS A 279 -11.54 18.50 -0.39
N GLN A 280 -12.53 19.32 -0.76
CA GLN A 280 -12.28 20.36 -1.77
C GLN A 280 -11.17 21.31 -1.37
N ASP A 281 -11.14 21.74 -0.10
CA ASP A 281 -10.17 22.77 0.27
C ASP A 281 -8.74 22.25 0.15
N GLN A 282 -8.52 20.96 0.49
CA GLN A 282 -7.16 20.42 0.43
C GLN A 282 -6.77 20.04 -1.00
N PHE A 283 -7.76 19.63 -1.81
CA PHE A 283 -7.60 19.52 -3.25
C PHE A 283 -7.12 20.85 -3.84
N HIS A 284 -7.77 21.95 -3.45
CA HIS A 284 -7.33 23.26 -3.94
C HIS A 284 -5.94 23.59 -3.45
N GLU A 285 -5.66 23.38 -2.17
CA GLU A 285 -4.36 23.75 -1.64
C GLU A 285 -3.25 22.95 -2.32
N LEU A 286 -3.50 21.66 -2.56
CA LEU A 286 -2.49 20.81 -3.20
C LEU A 286 -2.20 21.30 -4.62
N LEU A 287 -3.25 21.57 -5.40
CA LEU A 287 -3.05 21.97 -6.79
C LEU A 287 -2.45 23.37 -6.90
N LEU A 288 -2.87 24.29 -6.03
CA LEU A 288 -2.24 25.61 -6.04
C LEU A 288 -0.78 25.56 -5.59
N GLY A 289 -0.45 24.62 -4.69
CA GLY A 289 0.94 24.48 -4.29
C GLY A 289 1.82 23.93 -5.40
N LEU A 290 1.31 22.95 -6.16
CA LEU A 290 2.04 22.49 -7.34
C LEU A 290 2.23 23.62 -8.33
N GLU A 291 1.17 24.42 -8.56
CA GLU A 291 1.29 25.53 -9.51
C GLU A 291 2.35 26.52 -9.07
N LEU A 292 2.43 26.79 -7.77
CA LEU A 292 3.38 27.77 -7.24
C LEU A 292 4.82 27.38 -7.54
N THR A 293 5.10 26.08 -7.69
CA THR A 293 6.48 25.66 -7.91
C THR A 293 6.99 26.13 -9.26
N GLY A 294 6.10 26.30 -10.22
CA GLY A 294 6.51 26.59 -11.58
C GLY A 294 7.01 25.39 -12.36
N PHE A 295 7.04 24.19 -11.76
CA PHE A 295 7.42 23.00 -12.48
C PHE A 295 6.24 22.40 -13.22
N PRO A 296 6.48 21.72 -14.35
CA PRO A 296 5.41 20.94 -14.96
C PRO A 296 4.98 19.84 -13.98
N PHE A 297 3.70 19.45 -14.07
CA PHE A 297 3.21 18.43 -13.15
C PHE A 297 2.11 17.59 -13.77
N LEU A 298 1.99 16.37 -13.24
CA LEU A 298 0.90 15.45 -13.53
C LEU A 298 0.33 15.02 -12.18
N ALA A 299 -0.93 15.38 -11.93
CA ALA A 299 -1.62 15.06 -10.69
C ALA A 299 -2.74 14.07 -11.00
N ILE A 300 -2.61 12.86 -10.46
CA ILE A 300 -3.58 11.78 -10.64
C ILE A 300 -4.46 11.78 -9.39
N LEU A 301 -5.66 12.36 -9.48
CA LEU A 301 -6.50 12.61 -8.31
C LEU A 301 -7.96 12.37 -8.65
N LYS A 302 -8.72 11.83 -7.68
CA LYS A 302 -10.17 11.78 -7.88
C LYS A 302 -10.77 13.16 -7.63
N PRO A 303 -11.89 13.49 -8.27
CA PRO A 303 -12.58 14.72 -7.92
C PRO A 303 -12.86 14.75 -6.43
N PRO A 304 -12.76 15.91 -5.80
CA PRO A 304 -12.92 15.99 -4.34
C PRO A 304 -14.33 15.63 -3.91
N VAL A 305 -14.46 15.43 -2.60
CA VAL A 305 -15.74 15.09 -2.00
C VAL A 305 -16.79 16.11 -2.43
N GLY A 306 -17.93 15.62 -2.93
CA GLY A 306 -19.00 16.45 -3.40
C GLY A 306 -19.04 16.69 -4.89
N PHE A 307 -17.93 16.44 -5.58
CA PHE A 307 -17.78 16.79 -6.98
C PHE A 307 -17.64 15.54 -7.84
N GLU A 308 -18.02 15.65 -9.11
CA GLU A 308 -18.01 14.50 -10.01
C GLU A 308 -17.03 14.63 -11.17
N THR A 309 -16.55 15.83 -11.47
CA THR A 309 -15.51 16.03 -12.46
C THR A 309 -14.36 16.84 -11.86
N ILE A 310 -13.15 16.58 -12.36
CA ILE A 310 -12.02 17.42 -12.03
C ILE A 310 -12.29 18.87 -12.44
N GLU A 311 -12.86 19.05 -13.64
CA GLU A 311 -13.00 20.39 -14.19
C GLU A 311 -13.83 21.27 -13.28
N ASP A 312 -14.90 20.71 -12.69
CA ASP A 312 -15.79 21.48 -11.82
C ASP A 312 -15.13 21.89 -10.51
N ALA A 313 -14.10 21.16 -10.07
CA ALA A 313 -13.54 21.41 -8.75
C ALA A 313 -12.22 22.17 -8.79
N LEU A 314 -11.68 22.43 -9.98
CA LEU A 314 -10.42 23.14 -10.09
C LEU A 314 -10.57 24.57 -9.57
N PRO A 315 -9.54 25.12 -8.93
CA PRO A 315 -9.63 26.51 -8.48
C PRO A 315 -9.80 27.46 -9.66
N GLU A 316 -10.45 28.59 -9.40
CA GLU A 316 -10.85 29.48 -10.48
C GLU A 316 -9.63 29.95 -11.28
N GLY A 317 -9.71 29.84 -12.61
CA GLY A 317 -8.64 30.26 -13.49
C GLY A 317 -7.46 29.31 -13.57
N PHE A 318 -7.57 28.11 -12.99
CA PHE A 318 -6.41 27.21 -12.88
C PHE A 318 -5.95 26.71 -14.24
N LYS A 319 -6.88 26.18 -15.05
CA LYS A 319 -6.50 25.63 -16.36
C LYS A 319 -5.93 26.72 -17.25
N GLU A 320 -6.53 27.92 -17.21
CA GLU A 320 -6.06 29.02 -18.06
C GLU A 320 -4.63 29.41 -17.71
N ARG A 321 -4.28 29.38 -16.42
CA ARG A 321 -2.94 29.74 -16.02
C ARG A 321 -1.94 28.63 -16.30
N VAL A 322 -2.34 27.39 -16.00
CA VAL A 322 -1.39 26.29 -16.04
C VAL A 322 -1.08 25.90 -17.49
N LYS A 323 -2.02 26.08 -18.40
CA LYS A 323 -1.81 25.88 -19.85
C LYS A 323 -1.33 24.45 -20.06
N GLU A 324 -0.23 24.22 -20.78
CA GLU A 324 0.23 22.88 -21.11
C GLU A 324 1.26 22.35 -20.12
N LYS A 325 1.60 23.11 -19.07
CA LYS A 325 2.60 22.66 -18.11
C LYS A 325 2.03 21.67 -17.09
N GLY A 326 0.71 21.61 -16.92
CA GLY A 326 0.15 20.74 -15.90
C GLY A 326 -1.15 20.06 -16.29
N ILE A 327 -1.29 18.80 -15.90
CA ILE A 327 -2.52 18.04 -16.13
C ILE A 327 -3.00 17.49 -14.78
N VAL A 328 -4.31 17.62 -14.53
CA VAL A 328 -4.98 16.96 -13.42
C VAL A 328 -5.93 15.94 -14.01
N HIS A 329 -5.76 14.67 -13.64
CA HIS A 329 -6.37 13.55 -14.36
C HIS A 329 -6.95 12.57 -13.37
N SER A 330 -8.20 12.13 -13.59
CA SER A 330 -8.86 11.27 -12.63
C SER A 330 -8.78 9.75 -12.93
N GLY A 331 -8.41 9.32 -14.11
CA GLY A 331 -8.47 7.89 -14.40
C GLY A 331 -7.27 7.09 -13.86
N TRP A 332 -7.43 5.76 -13.91
CA TRP A 332 -6.32 4.83 -13.63
C TRP A 332 -5.23 4.99 -14.69
N ILE A 333 -3.97 5.11 -14.25
CA ILE A 333 -2.86 5.16 -15.20
C ILE A 333 -1.81 4.14 -14.80
N GLN A 334 -0.79 3.99 -15.66
CA GLN A 334 0.28 3.02 -15.40
C GLN A 334 1.35 3.69 -14.54
N GLN A 335 1.10 3.76 -13.23
CA GLN A 335 1.96 4.55 -12.34
C GLN A 335 3.40 4.05 -12.37
N GLN A 336 3.59 2.74 -12.30
CA GLN A 336 4.95 2.22 -12.25
C GLN A 336 5.74 2.63 -13.48
N LEU A 337 5.08 2.65 -14.65
CA LEU A 337 5.78 3.03 -15.87
C LEU A 337 6.02 4.53 -15.92
N ILE A 338 5.11 5.33 -15.34
CA ILE A 338 5.34 6.76 -15.31
C ILE A 338 6.50 7.09 -14.38
N LEU A 339 6.58 6.44 -13.22
CA LEU A 339 7.69 6.72 -12.31
C LEU A 339 9.05 6.36 -12.91
N GLU A 340 9.11 5.43 -13.87
CA GLU A 340 10.37 5.14 -14.57
C GLU A 340 10.67 6.12 -15.70
N HIS A 341 9.75 7.04 -16.02
CA HIS A 341 10.03 7.92 -17.15
C HIS A 341 11.06 8.99 -16.74
N PRO A 342 12.02 9.30 -17.60
CA PRO A 342 13.11 10.23 -17.20
C PRO A 342 12.66 11.65 -16.95
N SER A 343 11.46 12.02 -17.39
CA SER A 343 10.95 13.38 -17.12
C SER A 343 10.66 13.60 -15.65
N VAL A 344 10.37 12.54 -14.89
CA VAL A 344 9.85 12.68 -13.54
C VAL A 344 11.01 13.00 -12.60
N GLY A 345 10.94 14.15 -11.93
CA GLY A 345 11.97 14.54 -10.99
C GLY A 345 11.52 14.45 -9.53
N CYS A 346 10.21 14.40 -9.31
CA CYS A 346 9.63 14.46 -7.98
C CYS A 346 8.35 13.65 -7.94
N PHE A 347 8.19 12.87 -6.86
CA PHE A 347 6.97 12.11 -6.61
C PHE A 347 6.35 12.63 -5.31
N VAL A 348 5.18 13.24 -5.41
CA VAL A 348 4.39 13.62 -4.24
C VAL A 348 3.43 12.47 -3.99
N THR A 349 3.60 11.77 -2.85
CA THR A 349 2.96 10.49 -2.64
C THR A 349 2.12 10.50 -1.37
N HIS A 350 1.02 9.75 -1.39
CA HIS A 350 0.23 9.54 -0.18
C HIS A 350 0.85 8.52 0.76
N CYS A 351 2.01 7.93 0.39
CA CYS A 351 2.76 7.01 1.24
C CYS A 351 2.04 5.67 1.41
N GLY A 352 1.21 5.28 0.44
CA GLY A 352 0.84 3.87 0.34
C GLY A 352 2.08 3.00 0.15
N ALA A 353 2.05 1.80 0.75
CA ALA A 353 3.24 0.95 0.75
C ALA A 353 3.68 0.57 -0.66
N GLY A 354 2.74 0.40 -1.59
CA GLY A 354 3.12 0.04 -2.94
C GLY A 354 3.77 1.21 -3.66
N SER A 355 3.16 2.39 -3.54
CA SER A 355 3.72 3.60 -4.13
C SER A 355 5.09 3.91 -3.56
N ILE A 356 5.30 3.68 -2.26
CA ILE A 356 6.61 3.91 -1.65
C ILE A 356 7.67 3.04 -2.33
N THR A 357 7.39 1.73 -2.48
CA THR A 357 8.36 0.87 -3.15
C THR A 357 8.65 1.38 -4.56
N GLU A 358 7.59 1.74 -5.30
CA GLU A 358 7.76 2.21 -6.67
C GLU A 358 8.58 3.48 -6.75
N GLY A 359 8.47 4.37 -5.75
CA GLY A 359 9.32 5.56 -5.74
C GLY A 359 10.75 5.23 -5.32
N LEU A 360 10.91 4.33 -4.34
CA LEU A 360 12.25 4.03 -3.83
C LEU A 360 13.14 3.40 -4.91
N VAL A 361 12.59 2.57 -5.79
CA VAL A 361 13.43 1.90 -6.78
C VAL A 361 13.69 2.77 -8.00
N ASN A 362 13.18 4.01 -8.02
CA ASN A 362 13.41 4.93 -9.11
C ASN A 362 14.22 6.13 -8.62
N ASN A 363 14.39 7.11 -9.50
CA ASN A 363 15.29 8.23 -9.22
C ASN A 363 14.60 9.46 -8.65
N CYS A 364 13.27 9.50 -8.65
CA CYS A 364 12.52 10.70 -8.27
C CYS A 364 12.75 11.10 -6.81
N GLN A 365 12.83 12.40 -6.56
CA GLN A 365 12.82 12.90 -5.20
C GLN A 365 11.45 12.66 -4.60
N MET A 366 11.41 12.35 -3.30
CA MET A 366 10.20 11.89 -2.64
C MET A 366 9.66 13.05 -1.79
N VAL A 367 8.40 13.46 -2.01
CA VAL A 367 7.71 14.38 -1.13
C VAL A 367 6.57 13.62 -0.47
N LEU A 368 6.50 13.64 0.87
CA LEU A 368 5.61 12.76 1.62
C LEU A 368 4.35 13.53 2.04
N LEU A 369 3.20 13.08 1.53
CA LEU A 369 1.89 13.69 1.82
C LEU A 369 0.93 12.61 2.33
N PRO A 370 1.26 11.97 3.45
CA PRO A 370 0.44 10.86 3.94
C PRO A 370 -0.98 11.30 4.23
N GLN A 371 -1.92 10.48 3.77
CA GLN A 371 -3.31 10.70 4.10
C GLN A 371 -3.64 9.97 5.41
N LEU A 372 -4.87 10.15 5.89
CA LEU A 372 -5.21 9.79 7.27
C LEU A 372 -5.49 8.30 7.36
N ASN A 373 -4.42 7.54 7.54
CA ASN A 373 -4.43 6.08 7.55
C ASN A 373 -3.16 5.69 8.28
N GLY A 374 -3.28 4.73 9.23
CA GLY A 374 -2.12 4.37 10.05
C GLY A 374 -0.88 3.97 9.25
N ASP A 375 -1.05 3.16 8.21
CA ASP A 375 0.11 2.75 7.43
C ASP A 375 0.71 3.92 6.67
N TYR A 376 -0.12 4.79 6.07
CA TYR A 376 0.43 5.95 5.36
C TYR A 376 1.25 6.81 6.31
N ILE A 377 0.71 7.05 7.49
CA ILE A 377 1.36 7.94 8.45
C ILE A 377 2.67 7.33 8.94
N ILE A 378 2.64 6.05 9.29
CA ILE A 378 3.85 5.41 9.79
C ILE A 378 4.90 5.27 8.68
N ASN A 379 4.46 4.96 7.45
CA ASN A 379 5.40 4.97 6.34
C ASN A 379 6.05 6.34 6.18
N ALA A 380 5.24 7.41 6.27
CA ALA A 380 5.77 8.75 6.13
C ALA A 380 6.79 9.07 7.22
N ARG A 381 6.53 8.67 8.46
CA ARG A 381 7.53 8.93 9.51
C ARG A 381 8.81 8.14 9.27
N ILE A 382 8.72 6.87 8.87
CA ILE A 382 9.92 6.07 8.65
C ILE A 382 10.72 6.63 7.47
N MET A 383 10.03 7.00 6.40
CA MET A 383 10.72 7.52 5.22
C MET A 383 11.31 8.89 5.50
N GLY A 384 10.58 9.74 6.25
CA GLY A 384 11.04 11.09 6.45
C GLY A 384 12.05 11.21 7.56
N ARG A 385 11.94 10.38 8.61
CA ARG A 385 12.76 10.55 9.80
C ARG A 385 13.77 9.44 10.03
N HIS A 386 13.49 8.21 9.59
CA HIS A 386 14.45 7.11 9.79
C HIS A 386 15.34 6.90 8.57
N LEU A 387 14.75 6.61 7.42
CA LEU A 387 15.54 6.51 6.20
C LEU A 387 15.94 7.89 5.66
N LYS A 388 15.12 8.91 5.92
CA LYS A 388 15.39 10.28 5.46
C LYS A 388 15.60 10.32 3.95
N VAL A 389 14.66 9.69 3.25
CA VAL A 389 14.66 9.66 1.79
C VAL A 389 13.63 10.60 1.19
N GLY A 390 12.91 11.34 2.02
CA GLY A 390 11.92 12.27 1.50
C GLY A 390 11.64 13.36 2.50
N VAL A 391 10.96 14.40 2.03
CA VAL A 391 10.57 15.55 2.84
C VAL A 391 9.06 15.52 3.06
N GLU A 392 8.62 15.65 4.31
CA GLU A 392 7.18 15.56 4.57
C GLU A 392 6.55 16.96 4.60
N VAL A 393 5.38 17.07 3.98
CA VAL A 393 4.60 18.31 4.01
C VAL A 393 4.01 18.50 5.40
N LYS A 394 4.19 19.69 5.97
CA LYS A 394 3.69 20.03 7.30
C LYS A 394 2.15 20.07 7.33
N LYS A 395 1.56 19.44 8.34
CA LYS A 395 0.13 19.46 8.65
C LYS A 395 -0.12 20.17 9.98
N GLY A 396 -1.29 20.78 10.13
CA GLY A 396 -1.67 21.34 11.42
C GLY A 396 -1.69 20.27 12.49
N GLU A 397 -1.18 20.61 13.69
CA GLU A 397 -1.08 19.63 14.76
C GLU A 397 -2.44 19.02 15.10
N GLU A 398 -3.47 19.86 15.22
CA GLU A 398 -4.78 19.40 15.64
C GLU A 398 -5.75 19.22 14.47
N ASP A 399 -5.59 19.97 13.37
CA ASP A 399 -6.60 19.91 12.30
C ASP A 399 -6.19 19.02 11.13
N GLY A 400 -4.94 18.58 11.06
CA GLY A 400 -4.52 17.66 10.00
C GLY A 400 -4.49 18.25 8.60
N LEU A 401 -4.53 19.56 8.46
CA LEU A 401 -4.61 20.23 7.16
C LEU A 401 -3.27 20.87 6.78
N PHE A 402 -3.03 20.99 5.47
CA PHE A 402 -1.82 21.64 4.97
C PHE A 402 -2.19 22.87 4.16
N THR A 403 -1.23 23.78 4.03
CA THR A 403 -1.36 24.97 3.20
C THR A 403 -0.70 24.71 1.84
N LYS A 404 -1.07 25.54 0.86
CA LYS A 404 -0.41 25.47 -0.43
C LYS A 404 1.06 25.86 -0.32
N GLU A 405 1.40 26.76 0.61
CA GLU A 405 2.80 27.12 0.79
C GLU A 405 3.61 25.94 1.33
N SER A 406 3.00 25.07 2.15
CA SER A 406 3.77 23.93 2.67
C SER A 406 4.02 22.89 1.59
N VAL A 407 3.07 22.74 0.66
CA VAL A 407 3.29 21.87 -0.51
C VAL A 407 4.39 22.43 -1.39
N TYR A 408 4.25 23.70 -1.77
CA TYR A 408 5.26 24.40 -2.54
C TYR A 408 6.64 24.26 -1.93
N GLU A 409 6.74 24.48 -0.61
CA GLU A 409 8.03 24.48 0.07
C GLU A 409 8.71 23.12 -0.05
N ALA A 410 7.95 22.04 0.18
CA ALA A 410 8.55 20.71 0.16
C ALA A 410 9.06 20.35 -1.23
N VAL A 411 8.27 20.68 -2.26
CA VAL A 411 8.70 20.36 -3.62
C VAL A 411 9.90 21.20 -4.01
N LYS A 412 9.87 22.49 -3.63
CA LYS A 412 10.98 23.37 -3.96
C LYS A 412 12.28 22.88 -3.33
N ILE A 413 12.20 22.41 -2.07
CA ILE A 413 13.39 21.93 -1.36
C ILE A 413 14.03 20.75 -2.09
N VAL A 414 13.22 19.75 -2.47
CA VAL A 414 13.82 18.55 -3.05
C VAL A 414 14.25 18.78 -4.50
N MET A 415 13.62 19.71 -5.21
CA MET A 415 13.91 19.93 -6.63
C MET A 415 15.10 20.87 -6.83
N ASP A 416 15.53 21.57 -5.78
CA ASP A 416 16.60 22.57 -5.84
C ASP A 416 17.96 21.88 -5.67
N ASP A 417 18.72 21.80 -6.76
CA ASP A 417 20.03 21.13 -6.74
C ASP A 417 20.96 21.72 -5.70
N GLU A 418 20.78 23.00 -5.34
CA GLU A 418 21.66 23.65 -4.39
C GLU A 418 21.15 23.60 -2.97
N ASN A 419 19.95 23.06 -2.75
CA ASN A 419 19.41 22.95 -1.40
C ASN A 419 19.99 21.71 -0.72
N GLU A 420 20.57 21.90 0.46
CA GLU A 420 21.32 20.81 1.07
C GLU A 420 20.42 19.75 1.67
N ILE A 421 19.21 20.11 2.09
CA ILE A 421 18.24 19.09 2.51
C ILE A 421 17.86 18.24 1.31
N GLY A 422 17.63 18.88 0.15
CA GLY A 422 17.34 18.14 -1.07
C GLY A 422 18.47 17.21 -1.49
N ARG A 423 19.71 17.66 -1.35
CA ARG A 423 20.85 16.80 -1.70
C ARG A 423 20.96 15.63 -0.74
N GLU A 424 20.71 15.87 0.55
CA GLU A 424 20.77 14.80 1.53
C GLU A 424 19.70 13.74 1.25
N VAL A 425 18.45 14.15 0.99
CA VAL A 425 17.43 13.13 0.74
C VAL A 425 17.71 12.42 -0.57
N ARG A 426 18.25 13.10 -1.57
CA ARG A 426 18.65 12.38 -2.79
C ARG A 426 19.71 11.33 -2.47
N SER A 427 20.73 11.71 -1.69
CA SER A 427 21.81 10.80 -1.36
C SER A 427 21.31 9.60 -0.55
N ASN A 428 20.36 9.83 0.37
CA ASN A 428 19.83 8.72 1.15
C ASN A 428 18.95 7.81 0.31
N HIS A 429 18.13 8.40 -0.56
CA HIS A 429 17.32 7.62 -1.49
C HIS A 429 18.21 6.75 -2.38
N THR A 430 19.34 7.29 -2.81
CA THR A 430 20.26 6.50 -3.61
C THR A 430 20.79 5.29 -2.83
N LYS A 431 21.15 5.50 -1.56
CA LYS A 431 21.59 4.36 -0.74
C LYS A 431 20.50 3.30 -0.60
N VAL A 432 19.25 3.73 -0.42
CA VAL A 432 18.16 2.77 -0.25
C VAL A 432 17.86 2.05 -1.56
N ARG A 433 17.84 2.79 -2.67
CA ARG A 433 17.67 2.16 -3.98
C ARG A 433 18.75 1.13 -4.25
N ASN A 434 20.00 1.48 -3.96
CA ASN A 434 21.09 0.54 -4.22
C ASN A 434 20.94 -0.71 -3.37
N LEU A 435 20.44 -0.57 -2.14
CA LEU A 435 20.16 -1.74 -1.31
C LEU A 435 19.05 -2.60 -1.92
N LEU A 436 17.90 -1.99 -2.20
CA LEU A 436 16.75 -2.77 -2.66
C LEU A 436 17.04 -3.48 -3.98
N LEU A 437 17.76 -2.81 -4.89
CA LEU A 437 18.10 -3.38 -6.18
C LEU A 437 19.40 -4.19 -6.16
N ARG A 438 20.06 -4.34 -5.01
CA ARG A 438 21.32 -5.12 -4.97
C ARG A 438 21.12 -6.49 -5.60
N HIS A 439 22.12 -6.98 -6.32
CA HIS A 439 21.89 -8.14 -7.19
C HIS A 439 21.42 -9.37 -6.41
N ASP A 440 21.75 -9.46 -5.13
CA ASP A 440 21.40 -10.62 -4.33
C ASP A 440 20.42 -10.32 -3.20
N LEU A 441 19.91 -9.09 -3.13
CA LEU A 441 19.03 -8.75 -2.01
C LEU A 441 17.70 -9.48 -2.12
N GLU A 442 16.93 -9.22 -3.18
CA GLU A 442 15.61 -9.84 -3.27
C GLU A 442 15.73 -11.36 -3.39
N SER A 443 16.72 -11.84 -4.16
CA SER A 443 16.82 -13.28 -4.36
C SER A 443 17.15 -14.01 -3.07
N SER A 444 17.99 -13.42 -2.22
CA SER A 444 18.31 -14.10 -0.96
C SER A 444 17.17 -13.98 0.04
N CYS A 445 16.39 -12.90 -0.04
CA CYS A 445 15.15 -12.84 0.75
C CYS A 445 14.23 -13.98 0.36
N LEU A 446 14.00 -14.15 -0.94
CA LEU A 446 13.13 -15.20 -1.41
C LEU A 446 13.70 -16.59 -1.12
N ASP A 447 15.02 -16.76 -1.18
CA ASP A 447 15.61 -18.03 -0.75
C ASP A 447 15.16 -18.39 0.66
N THR A 448 15.39 -17.47 1.61
CA THR A 448 14.99 -17.71 2.99
C THR A 448 13.48 -17.91 3.11
N PHE A 449 12.71 -17.03 2.46
CA PHE A 449 11.26 -17.11 2.45
C PHE A 449 10.79 -18.50 2.04
N CYS A 450 11.34 -19.02 0.93
CA CYS A 450 10.88 -20.31 0.45
C CYS A 450 11.34 -21.46 1.37
N GLU A 451 12.53 -21.36 1.97
CA GLU A 451 12.94 -22.39 2.93
C GLU A 451 12.00 -22.44 4.13
N LYS A 452 11.60 -21.26 4.63
CA LYS A 452 10.72 -21.23 5.79
C LYS A 452 9.30 -21.68 5.44
N LEU A 453 8.87 -21.46 4.20
CA LEU A 453 7.57 -22.00 3.78
C LEU A 453 7.64 -23.51 3.69
N GLN A 454 8.77 -24.04 3.22
CA GLN A 454 8.93 -25.48 3.19
C GLN A 454 8.93 -26.06 4.60
N GLU A 455 9.59 -25.38 5.54
CA GLU A 455 9.51 -25.79 6.94
C GLU A 455 8.07 -25.79 7.43
N LEU A 456 7.30 -24.77 7.03
CA LEU A 456 5.93 -24.62 7.49
C LEU A 456 5.07 -25.82 7.06
N VAL A 457 5.28 -26.34 5.85
CA VAL A 457 4.46 -27.44 5.37
C VAL A 457 5.03 -28.81 5.73
N SER A 458 6.19 -28.86 6.40
CA SER A 458 6.75 -30.15 6.80
C SER A 458 6.15 -30.65 8.12
C18 A1EGX B . -3.70 0.75 10.60
C19 A1EGX B . -3.83 0.69 9.23
C20 A1EGX B . -4.02 -0.56 8.58
C15 A1EGX B . -4.05 -1.70 9.38
C16 A1EGX B . -3.90 -1.68 10.75
C17 A1EGX B . -3.74 -0.44 11.35
C1A A1EGX B . -4.19 -0.71 7.15
C2A A1EGX B . -4.34 -2.00 6.61
C8 A1EGX B . -4.39 -3.10 7.46
C9 A1EGX B . -4.50 -4.51 7.08
C10 A1EGX B . -4.10 -4.97 5.83
C11 A1EGX B . -4.15 -6.32 5.51
C12 A1EGX B . -4.57 -7.23 6.45
C13 A1EGX B . -4.95 -6.80 7.72
C14 A1EGX B . -4.88 -5.45 8.04
O9 A1EGX B . -4.20 -2.93 8.81
O1A A1EGX B . -4.14 0.29 6.39
O8 A1EGX B . -5.38 -7.71 8.65
O7 A1EGX B . -4.64 -8.57 6.18
O2A A1EGX B . -4.61 -2.13 5.26
O10 A1EGX B . -3.62 -0.40 12.70
O11 A1EGX B . -3.81 1.82 8.50
C1 A1EGX B . -5.70 -1.32 4.82
C2 A1EGX B . -6.15 -1.71 3.43
C3 A1EGX B . -7.23 -0.72 2.98
C4 A1EGX B . -8.35 -0.61 4.01
C5 A1EGX B . -7.79 -0.39 5.39
O2 A1EGX B . -5.05 -1.62 2.53
O3 A1EGX B . -7.74 -1.10 1.70
O4 A1EGX B . -9.17 -1.78 4.00
O5 A1EGX B . -6.79 -1.37 5.72
N1 UDP C . -1.76 2.47 -9.16
C2 UDP C . -1.72 2.51 -10.55
N3 UDP C . -2.48 3.52 -11.11
C4 UDP C . -3.26 4.44 -10.45
C5 UDP C . -3.25 4.33 -9.02
C6 UDP C . -2.53 3.35 -8.44
O2 UDP C . -1.05 1.75 -11.22
O4 UDP C . -3.88 5.27 -11.11
C1' UDP C . -1.02 1.38 -8.50
C2' UDP C . 0.29 1.81 -7.83
O2' UDP C . 1.33 1.82 -8.79
C3' UDP C . 0.42 0.72 -6.75
C4' UDP C . -1.05 0.52 -6.33
O4' UDP C . -1.85 0.90 -7.47
O3' UDP C . 0.95 -0.48 -7.29
C5' UDP C . -1.50 1.38 -5.18
O5' UDP C . -1.03 0.79 -3.97
PA UDP C . -0.65 1.77 -2.77
O1A UDP C . 0.45 2.70 -3.19
O2A UDP C . -0.41 0.91 -1.59
O3A UDP C . -1.95 2.71 -2.62
PB UDP C . -3.56 2.56 -2.54
O1B UDP C . -3.80 1.15 -2.04
O2B UDP C . -4.11 2.80 -3.97
O3B UDP C . -3.99 3.62 -1.59
#